data_3EVT
#
_entry.id   3EVT
#
_cell.length_a   75.848
_cell.length_b   75.848
_cell.length_c   107.834
_cell.angle_alpha   90.000
_cell.angle_beta   90.000
_cell.angle_gamma   90.000
#
_symmetry.space_group_name_H-M   'P 41 21 2'
#
loop_
_entity.id
_entity.type
_entity.pdbx_description
1 polymer 'Phosphoglycerate dehydrogenase'
2 water water
#
_entity_poly.entity_id   1
_entity_poly.type   'polypeptide(L)'
_entity_poly.pdbx_seq_one_letter_code
;MSLVLMAQATKPEQLQQLQTTYPDWTFKDAAAVTAADYDQIEVMYGNHPLLKTILARPTNQLKFVQVISAGVDYLPLKAL
QAAGVVVANTSGIHADAISESVLAAMLSVVRGYHAAWLNQRGARQWALPMTTSTLTGQQLLIYGTGQIGQSLAAKASALG
MHVIGVNTTGHPADHFHETVAFTATADALATANFIVNALPLTPTTHHLFSTELFQQTKQQPMLINIGRGPAVDTTALMTA
LDHHQLSMAALDVTEPEPLPTDHPLWQRDDVLITPHISGQIAHFRATVFPIFAANFAQFVKDGTLVRNQVDLNRGYEGHH
HHHH
;
_entity_poly.pdbx_strand_id   A
#
# COMPACT_ATOMS: atom_id res chain seq x y z
N SER A 2 -22.69 -8.45 -21.91
CA SER A 2 -22.25 -9.81 -22.41
C SER A 2 -20.77 -9.94 -22.82
N LEU A 3 -20.18 -8.96 -23.49
CA LEU A 3 -18.79 -9.11 -23.95
C LEU A 3 -17.80 -8.20 -23.28
N VAL A 4 -16.68 -8.77 -22.87
CA VAL A 4 -15.54 -7.98 -22.50
C VAL A 4 -14.50 -8.02 -23.62
N LEU A 5 -14.05 -6.84 -24.03
CA LEU A 5 -12.95 -6.74 -24.97
C LEU A 5 -11.68 -6.82 -24.18
N MET A 6 -10.97 -7.94 -24.31
CA MET A 6 -9.68 -8.12 -23.71
C MET A 6 -8.54 -7.52 -24.57
N ALA A 7 -8.32 -6.22 -24.47
CA ALA A 7 -7.19 -5.60 -25.14
C ALA A 7 -5.83 -5.86 -24.43
N GLN A 8 -5.79 -5.83 -23.09
CA GLN A 8 -4.60 -6.29 -22.36
C GLN A 8 -4.50 -7.82 -22.37
N ALA A 9 -3.33 -8.37 -22.69
CA ALA A 9 -3.10 -9.83 -22.62
C ALA A 9 -3.19 -10.40 -21.17
N THR A 10 -3.55 -11.67 -21.02
CA THR A 10 -3.62 -12.27 -19.68
C THR A 10 -2.93 -13.61 -19.69
N LYS A 11 -2.35 -14.02 -18.56
CA LYS A 11 -1.94 -15.40 -18.41
C LYS A 11 -3.12 -16.34 -18.77
N PRO A 12 -2.84 -17.47 -19.42
CA PRO A 12 -3.98 -18.37 -19.68
C PRO A 12 -4.87 -18.62 -18.45
N GLU A 13 -4.30 -18.60 -17.25
CA GLU A 13 -5.02 -18.95 -16.02
C GLU A 13 -5.96 -17.86 -15.53
N GLN A 14 -5.58 -16.60 -15.75
CA GLN A 14 -6.40 -15.45 -15.44
C GLN A 14 -7.68 -15.50 -16.30
N LEU A 15 -7.50 -15.72 -17.60
CA LEU A 15 -8.60 -15.90 -18.56
C LEU A 15 -9.53 -17.05 -18.14
N GLN A 16 -8.98 -18.20 -17.76
CA GLN A 16 -9.80 -19.31 -17.26
C GLN A 16 -10.69 -18.95 -16.08
N GLN A 17 -10.08 -18.39 -15.04
CA GLN A 17 -10.83 -17.89 -13.88
C GLN A 17 -12.05 -17.12 -14.33
N LEU A 18 -11.85 -16.17 -15.24
CA LEU A 18 -12.89 -15.27 -15.70
C LEU A 18 -14.00 -16.05 -16.41
N GLN A 19 -13.60 -16.92 -17.32
CA GLN A 19 -14.56 -17.61 -18.14
C GLN A 19 -15.41 -18.58 -17.34
N THR A 20 -14.84 -19.21 -16.30
CA THR A 20 -15.63 -20.06 -15.40
C THR A 20 -16.37 -19.35 -14.28
N THR A 21 -15.86 -18.23 -13.79
CA THR A 21 -16.57 -17.50 -12.80
C THR A 21 -17.74 -16.78 -13.44
N TYR A 22 -17.63 -16.51 -14.73
CA TYR A 22 -18.69 -15.75 -15.45
C TYR A 22 -19.09 -16.47 -16.72
N PRO A 23 -19.87 -17.56 -16.58
CA PRO A 23 -20.09 -18.39 -17.75
C PRO A 23 -21.06 -17.74 -18.68
N ASP A 24 -21.78 -16.72 -18.24
CA ASP A 24 -22.60 -16.03 -19.21
C ASP A 24 -21.91 -14.82 -19.90
N TRP A 25 -20.62 -14.59 -19.63
CA TRP A 25 -19.92 -13.49 -20.25
C TRP A 25 -18.94 -14.04 -21.30
N THR A 26 -18.72 -13.30 -22.38
CA THR A 26 -17.66 -13.60 -23.33
C THR A 26 -16.47 -12.66 -23.12
N PHE A 27 -15.31 -13.25 -22.89
CA PHE A 27 -14.06 -12.51 -22.78
C PHE A 27 -13.32 -12.56 -24.13
N LYS A 28 -13.56 -11.56 -24.96
CA LYS A 28 -13.05 -11.64 -26.34
C LYS A 28 -11.70 -10.96 -26.64
N ASP A 29 -10.70 -11.77 -26.93
CA ASP A 29 -9.43 -11.28 -27.46
C ASP A 29 -9.63 -10.20 -28.53
N ALA A 30 -8.98 -9.04 -28.38
CA ALA A 30 -9.19 -7.95 -29.35
C ALA A 30 -8.79 -8.27 -30.81
N ALA A 31 -7.99 -9.32 -31.01
CA ALA A 31 -7.60 -9.72 -32.35
C ALA A 31 -8.81 -10.32 -33.09
N ALA A 32 -9.58 -11.13 -32.38
CA ALA A 32 -10.66 -11.87 -32.99
C ALA A 32 -12.00 -11.11 -33.00
N VAL A 33 -12.00 -9.87 -32.52
CA VAL A 33 -13.27 -9.12 -32.52
C VAL A 33 -13.70 -8.79 -33.96
N THR A 34 -14.92 -8.29 -34.13
CA THR A 34 -15.42 -8.00 -35.46
C THR A 34 -16.49 -6.97 -35.26
N ALA A 35 -16.94 -6.31 -36.33
CA ALA A 35 -17.84 -5.18 -36.13
C ALA A 35 -19.21 -5.65 -35.71
N ALA A 36 -19.45 -6.95 -35.84
CA ALA A 36 -20.70 -7.52 -35.37
C ALA A 36 -20.68 -7.51 -33.83
N ASP A 37 -19.49 -7.69 -33.26
CA ASP A 37 -19.32 -7.62 -31.80
C ASP A 37 -19.54 -6.22 -31.22
N TYR A 38 -19.15 -5.18 -31.94
CA TYR A 38 -19.04 -3.83 -31.38
C TYR A 38 -20.11 -3.45 -30.35
N ASP A 39 -21.38 -3.62 -30.68
CA ASP A 39 -22.41 -3.10 -29.78
C ASP A 39 -22.68 -4.08 -28.62
N GLN A 40 -21.95 -5.19 -28.64
CA GLN A 40 -21.97 -6.22 -27.61
C GLN A 40 -21.03 -5.93 -26.42
N ILE A 41 -19.91 -5.28 -26.73
CA ILE A 41 -18.86 -4.92 -25.79
C ILE A 41 -19.33 -3.97 -24.65
N GLU A 42 -19.47 -4.49 -23.43
CA GLU A 42 -19.86 -3.59 -22.35
C GLU A 42 -18.69 -3.15 -21.47
N VAL A 43 -17.62 -3.92 -21.53
CA VAL A 43 -16.44 -3.64 -20.76
C VAL A 43 -15.17 -3.80 -21.63
N MET A 44 -14.17 -2.98 -21.33
CA MET A 44 -12.91 -3.08 -22.01
C MET A 44 -11.83 -3.23 -20.96
N TYR A 45 -11.07 -4.30 -21.07
CA TYR A 45 -9.88 -4.44 -20.25
C TYR A 45 -8.66 -4.00 -21.09
N GLY A 46 -8.10 -2.82 -20.75
CA GLY A 46 -7.00 -2.20 -21.48
C GLY A 46 -7.56 -1.19 -22.46
N ASN A 47 -6.86 -0.10 -22.70
CA ASN A 47 -7.25 0.83 -23.76
C ASN A 47 -6.90 0.23 -25.14
N HIS A 48 -7.63 0.61 -26.18
CA HIS A 48 -7.52 0.00 -27.49
C HIS A 48 -8.07 0.98 -28.53
N PRO A 49 -7.59 0.86 -29.78
CA PRO A 49 -8.08 1.69 -30.89
C PRO A 49 -9.61 1.60 -31.09
N LEU A 50 -10.20 0.44 -30.83
CA LEU A 50 -11.64 0.25 -30.93
C LEU A 50 -12.43 1.11 -29.97
N LEU A 51 -11.81 1.56 -28.90
CA LEU A 51 -12.51 2.47 -27.98
C LEU A 51 -13.16 3.59 -28.83
N LYS A 52 -12.36 4.29 -29.62
CA LYS A 52 -12.87 5.31 -30.54
C LYS A 52 -14.00 4.84 -31.48
N THR A 53 -13.75 3.75 -32.20
CA THR A 53 -14.76 3.23 -33.13
C THR A 53 -16.10 3.04 -32.40
N ILE A 54 -16.06 2.21 -31.34
CA ILE A 54 -17.23 1.86 -30.52
C ILE A 54 -18.02 3.09 -30.03
N LEU A 55 -17.31 4.05 -29.45
CA LEU A 55 -17.96 5.24 -28.93
C LEU A 55 -18.63 6.08 -30.01
N ALA A 56 -18.14 5.98 -31.24
CA ALA A 56 -18.76 6.66 -32.39
C ALA A 56 -20.20 6.20 -32.73
N ARG A 57 -20.48 4.93 -32.49
CA ARG A 57 -21.78 4.32 -32.73
C ARG A 57 -22.81 4.72 -31.67
N PRO A 58 -23.86 5.45 -32.08
CA PRO A 58 -24.75 5.87 -30.98
C PRO A 58 -25.56 4.68 -30.41
N THR A 59 -25.26 3.48 -30.90
CA THR A 59 -25.89 2.25 -30.47
C THR A 59 -24.94 1.30 -29.66
N ASN A 60 -23.80 1.81 -29.17
CA ASN A 60 -22.87 0.97 -28.41
C ASN A 60 -23.44 0.77 -27.02
N GLN A 61 -22.92 -0.21 -26.28
CA GLN A 61 -23.36 -0.40 -24.90
C GLN A 61 -22.20 -0.38 -23.93
N LEU A 62 -21.21 0.47 -24.19
CA LEU A 62 -20.01 0.42 -23.36
C LEU A 62 -20.31 1.04 -22.03
N LYS A 63 -19.89 0.36 -20.96
CA LYS A 63 -20.22 0.81 -19.63
C LYS A 63 -19.00 1.00 -18.71
N PHE A 64 -17.93 0.23 -18.92
CA PHE A 64 -16.78 0.28 -18.02
C PHE A 64 -15.49 0.08 -18.81
N VAL A 65 -14.56 1.05 -18.78
CA VAL A 65 -13.19 0.82 -19.32
C VAL A 65 -12.14 0.73 -18.19
N GLN A 66 -11.39 -0.36 -18.15
CA GLN A 66 -10.29 -0.46 -17.22
C GLN A 66 -8.98 -0.25 -17.98
N VAL A 67 -8.28 0.86 -17.76
CA VAL A 67 -6.94 1.03 -18.37
C VAL A 67 -5.85 0.42 -17.48
N ILE A 68 -4.77 -0.06 -18.11
CA ILE A 68 -3.76 -0.80 -17.36
C ILE A 68 -2.49 -0.02 -17.17
N SER A 69 -2.62 1.29 -17.03
CA SER A 69 -1.53 2.11 -16.56
C SER A 69 -2.16 3.34 -15.91
N ALA A 70 -1.42 4.04 -15.05
CA ALA A 70 -1.98 5.13 -14.23
C ALA A 70 -2.48 6.30 -15.10
N GLY A 71 -1.93 6.42 -16.31
CA GLY A 71 -2.18 7.61 -17.14
C GLY A 71 -3.49 7.53 -17.91
N VAL A 72 -4.35 8.52 -17.70
CA VAL A 72 -5.63 8.64 -18.41
C VAL A 72 -5.67 9.79 -19.46
N ASP A 73 -4.51 10.23 -19.94
CA ASP A 73 -4.49 11.47 -20.73
C ASP A 73 -5.16 11.44 -22.10
N TYR A 74 -4.76 10.56 -22.97
CA TYR A 74 -5.23 10.71 -24.31
C TYR A 74 -6.55 9.99 -24.50
N LEU A 75 -7.26 9.74 -23.39
CA LEU A 75 -8.52 9.00 -23.42
C LEU A 75 -9.67 9.94 -23.74
N PRO A 76 -10.63 9.51 -24.60
CA PRO A 76 -11.67 10.47 -24.96
C PRO A 76 -12.53 10.80 -23.77
N LEU A 77 -11.99 11.59 -22.86
CA LEU A 77 -12.64 11.90 -21.60
C LEU A 77 -14.08 12.38 -21.76
N LYS A 78 -14.29 13.34 -22.66
CA LYS A 78 -15.62 13.92 -22.87
C LYS A 78 -16.64 12.92 -23.42
N ALA A 79 -16.26 12.11 -24.40
CA ALA A 79 -17.15 11.06 -24.86
C ALA A 79 -17.56 10.07 -23.74
N LEU A 80 -16.57 9.60 -22.97
CA LEU A 80 -16.78 8.64 -21.87
C LEU A 80 -17.76 9.17 -20.84
N GLN A 81 -17.57 10.40 -20.42
CA GLN A 81 -18.49 11.00 -19.51
C GLN A 81 -19.87 11.10 -20.17
N ALA A 82 -19.92 11.52 -21.43
CA ALA A 82 -21.22 11.76 -22.07
C ALA A 82 -21.97 10.45 -22.20
N ALA A 83 -21.24 9.36 -22.40
CA ALA A 83 -21.91 8.11 -22.59
C ALA A 83 -22.10 7.46 -21.23
N GLY A 84 -21.66 8.11 -20.16
CA GLY A 84 -21.79 7.50 -18.81
C GLY A 84 -20.86 6.31 -18.52
N VAL A 85 -19.76 6.20 -19.26
CA VAL A 85 -18.82 5.12 -19.02
C VAL A 85 -17.99 5.35 -17.75
N VAL A 86 -17.93 4.35 -16.86
CA VAL A 86 -16.99 4.41 -15.72
C VAL A 86 -15.59 3.94 -16.13
N VAL A 87 -14.56 4.58 -15.59
CA VAL A 87 -13.18 4.23 -15.89
C VAL A 87 -12.38 4.06 -14.60
N ALA A 88 -11.50 3.07 -14.57
CA ALA A 88 -10.54 2.88 -13.47
C ALA A 88 -9.19 2.70 -14.11
N ASN A 89 -8.13 2.99 -13.32
CA ASN A 89 -6.75 2.81 -13.74
C ASN A 89 -6.02 1.89 -12.76
N THR A 90 -4.69 1.93 -12.79
CA THR A 90 -3.83 1.02 -12.01
C THR A 90 -2.85 1.75 -11.07
N SER A 91 -3.24 2.87 -10.49
CA SER A 91 -2.35 3.48 -9.50
C SER A 91 -2.30 2.80 -8.13
N GLY A 92 -1.30 3.20 -7.34
CA GLY A 92 -1.21 2.75 -5.95
C GLY A 92 -0.60 1.38 -5.67
N ILE A 93 -0.15 0.70 -6.72
CA ILE A 93 0.30 -0.69 -6.55
C ILE A 93 1.51 -0.84 -5.64
N HIS A 94 2.57 -0.11 -5.96
CA HIS A 94 3.79 -0.12 -5.14
C HIS A 94 3.46 0.39 -3.75
N ALA A 95 2.83 1.54 -3.66
CA ALA A 95 2.44 2.10 -2.36
C ALA A 95 1.58 1.16 -1.51
N ASP A 96 0.60 0.46 -2.11
CA ASP A 96 -0.14 -0.62 -1.43
C ASP A 96 0.73 -1.72 -0.84
N ALA A 97 1.70 -2.25 -1.59
CA ALA A 97 2.57 -3.30 -1.04
C ALA A 97 3.38 -2.83 0.16
N ILE A 98 4.00 -1.66 0.05
CA ILE A 98 4.78 -1.12 1.13
C ILE A 98 3.91 -0.86 2.37
N SER A 99 2.70 -0.41 2.16
CA SER A 99 1.82 -0.25 3.30
C SER A 99 1.52 -1.57 3.99
N GLU A 100 1.23 -2.61 3.20
CA GLU A 100 1.05 -3.97 3.76
C GLU A 100 2.26 -4.46 4.59
N SER A 101 3.48 -4.21 4.11
CA SER A 101 4.69 -4.47 4.93
C SER A 101 4.71 -3.76 6.25
N VAL A 102 4.29 -2.49 6.28
CA VAL A 102 4.24 -1.80 7.59
C VAL A 102 3.18 -2.45 8.50
N LEU A 103 2.00 -2.72 7.95
CA LEU A 103 0.93 -3.34 8.77
C LEU A 103 1.45 -4.67 9.32
N ALA A 104 2.23 -5.39 8.50
CA ALA A 104 2.74 -6.71 8.83
C ALA A 104 3.70 -6.61 9.98
N ALA A 105 4.56 -5.59 9.96
CA ALA A 105 5.50 -5.41 11.03
C ALA A 105 4.75 -5.16 12.34
N MET A 106 3.73 -4.29 12.27
CA MET A 106 3.01 -3.83 13.45
C MET A 106 2.16 -4.96 14.00
N LEU A 107 1.41 -5.63 13.13
CA LEU A 107 0.55 -6.76 13.55
C LEU A 107 1.32 -7.98 14.07
N SER A 108 2.41 -8.33 13.43
CA SER A 108 3.11 -9.49 13.92
C SER A 108 3.68 -9.27 15.31
N VAL A 109 4.06 -8.03 15.63
CA VAL A 109 4.43 -7.63 16.99
C VAL A 109 3.26 -7.60 17.96
N VAL A 110 2.23 -6.77 17.75
CA VAL A 110 1.17 -6.63 18.77
C VAL A 110 0.27 -7.85 18.90
N ARG A 111 0.10 -8.62 17.82
CA ARG A 111 -0.70 -9.88 17.94
C ARG A 111 0.12 -11.06 18.39
N GLY A 112 1.42 -10.81 18.66
CA GLY A 112 2.24 -11.81 19.35
C GLY A 112 2.93 -12.86 18.49
N TYR A 113 2.94 -12.67 17.17
CA TYR A 113 3.58 -13.63 16.28
C TYR A 113 5.07 -13.63 16.48
N HIS A 114 5.68 -12.47 16.64
CA HIS A 114 7.11 -12.43 16.84
C HIS A 114 7.45 -13.10 18.19
N ALA A 115 6.79 -12.67 19.27
CA ALA A 115 7.00 -13.37 20.56
C ALA A 115 6.68 -14.87 20.49
N ALA A 116 5.58 -15.26 19.83
CA ALA A 116 5.23 -16.68 19.66
C ALA A 116 6.32 -17.47 18.98
N TRP A 117 6.96 -16.89 17.99
CA TRP A 117 8.09 -17.54 17.31
C TRP A 117 9.29 -17.75 18.23
N LEU A 118 9.66 -16.74 19.00
CA LEU A 118 10.74 -16.90 19.98
C LEU A 118 10.40 -17.99 20.98
N ASN A 119 9.11 -18.07 21.36
CA ASN A 119 8.61 -19.12 22.22
C ASN A 119 8.73 -20.48 21.56
N GLN A 120 8.32 -20.57 20.30
CA GLN A 120 8.40 -21.83 19.51
C GLN A 120 9.88 -22.31 19.29
N ARG A 121 10.82 -21.36 19.17
CA ARG A 121 12.22 -21.72 19.06
C ARG A 121 12.86 -21.73 20.44
N GLY A 122 12.04 -21.67 21.49
CA GLY A 122 12.57 -21.51 22.85
C GLY A 122 11.93 -22.51 23.77
N ALA A 123 11.39 -22.03 24.87
CA ALA A 123 10.77 -22.91 25.84
C ALA A 123 9.47 -23.62 25.39
N ARG A 124 8.81 -23.12 24.35
CA ARG A 124 7.53 -23.71 23.91
C ARG A 124 6.55 -23.83 25.05
N GLN A 125 6.41 -22.74 25.79
CA GLN A 125 5.38 -22.65 26.78
C GLN A 125 4.02 -22.42 26.13
N TRP A 126 2.95 -22.60 26.90
CA TRP A 126 1.62 -22.35 26.41
C TRP A 126 1.20 -20.98 26.90
N ALA A 127 2.07 -20.00 26.78
CA ALA A 127 1.75 -18.65 27.11
C ALA A 127 2.92 -17.82 26.65
N LEU A 128 2.72 -16.53 26.48
CA LEU A 128 3.80 -15.64 26.04
C LEU A 128 4.24 -14.71 27.16
N PRO A 129 5.50 -14.31 27.15
CA PRO A 129 5.91 -13.38 28.18
C PRO A 129 5.40 -11.97 27.91
N MET A 130 4.33 -11.81 27.14
CA MET A 130 3.99 -10.49 26.71
C MET A 130 2.50 -10.39 26.72
N THR A 131 1.98 -9.16 26.73
CA THR A 131 0.57 -8.91 26.53
C THR A 131 0.33 -8.44 25.10
N THR A 132 -0.54 -9.11 24.37
CA THR A 132 -0.97 -8.66 23.06
C THR A 132 -1.79 -7.37 23.14
N SER A 133 -1.90 -6.69 22.01
CA SER A 133 -2.76 -5.51 21.92
C SER A 133 -3.25 -5.46 20.48
N THR A 134 -4.12 -4.51 20.15
CA THR A 134 -4.66 -4.42 18.80
C THR A 134 -4.20 -3.10 18.16
N LEU A 135 -4.15 -3.07 16.83
CA LEU A 135 -3.99 -1.78 16.14
C LEU A 135 -5.18 -0.84 16.38
N THR A 136 -6.39 -1.40 16.39
CA THR A 136 -7.57 -0.58 16.56
C THR A 136 -7.40 0.25 17.85
N GLY A 137 -7.60 1.55 17.74
CA GLY A 137 -7.52 2.36 18.92
C GLY A 137 -6.15 2.97 19.19
N GLN A 138 -5.10 2.58 18.44
CA GLN A 138 -3.74 3.10 18.69
C GLN A 138 -3.35 4.25 17.73
N GLN A 139 -2.27 4.96 18.07
CA GLN A 139 -1.82 6.11 17.29
C GLN A 139 -0.64 5.74 16.43
N LEU A 140 -0.77 6.05 15.15
CA LEU A 140 0.28 5.89 14.19
C LEU A 140 0.75 7.30 13.75
N LEU A 141 2.03 7.57 13.95
CA LEU A 141 2.68 8.77 13.45
C LEU A 141 3.55 8.45 12.21
N ILE A 142 3.20 9.02 11.06
CA ILE A 142 3.99 8.79 9.81
C ILE A 142 4.66 10.09 9.32
N TYR A 143 5.97 10.03 9.12
CA TYR A 143 6.77 11.08 8.52
C TYR A 143 6.82 10.85 7.02
N GLY A 144 6.21 11.78 6.28
CA GLY A 144 6.07 11.61 4.85
C GLY A 144 4.61 11.42 4.51
N THR A 145 4.00 12.43 3.92
CA THR A 145 2.58 12.35 3.59
C THR A 145 2.39 12.31 2.05
N GLY A 146 3.43 11.84 1.34
CA GLY A 146 3.30 11.55 -0.10
C GLY A 146 2.39 10.35 -0.35
N GLN A 147 2.45 9.80 -1.56
CA GLN A 147 1.54 8.73 -1.95
C GLN A 147 1.62 7.53 -1.00
N ILE A 148 2.84 7.13 -0.65
CA ILE A 148 3.05 6.02 0.30
C ILE A 148 2.42 6.29 1.68
N GLY A 149 2.76 7.44 2.28
CA GLY A 149 2.24 7.84 3.58
C GLY A 149 0.71 7.78 3.57
N GLN A 150 0.12 8.19 2.45
CA GLN A 150 -1.32 8.31 2.35
C GLN A 150 -2.00 6.96 2.20
N SER A 151 -1.35 6.04 1.48
CA SER A 151 -1.93 4.70 1.34
C SER A 151 -1.77 3.91 2.65
N LEU A 152 -0.65 4.10 3.35
CA LEU A 152 -0.53 3.53 4.70
C LEU A 152 -1.60 4.09 5.64
N ALA A 153 -1.73 5.43 5.69
CA ALA A 153 -2.82 6.11 6.41
C ALA A 153 -4.23 5.56 6.14
N ALA A 154 -4.55 5.35 4.86
CA ALA A 154 -5.88 4.82 4.50
C ALA A 154 -6.08 3.45 5.14
N LYS A 155 -5.08 2.57 5.05
CA LYS A 155 -5.30 1.21 5.59
C LYS A 155 -5.37 1.18 7.11
N ALA A 156 -4.48 1.93 7.76
CA ALA A 156 -4.38 1.99 9.19
C ALA A 156 -5.69 2.55 9.73
N SER A 157 -6.13 3.64 9.10
CA SER A 157 -7.34 4.29 9.48
C SER A 157 -8.57 3.32 9.38
N ALA A 158 -8.70 2.63 8.25
CA ALA A 158 -9.74 1.59 8.11
C ALA A 158 -9.62 0.48 9.17
N LEU A 159 -8.41 0.22 9.70
CA LEU A 159 -8.21 -0.72 10.81
C LEU A 159 -8.45 -0.08 12.23
N GLY A 160 -8.94 1.15 12.25
CA GLY A 160 -9.26 1.82 13.49
C GLY A 160 -8.12 2.57 14.11
N MET A 161 -6.99 2.71 13.40
CA MET A 161 -5.87 3.50 13.97
C MET A 161 -6.13 5.02 13.86
N HIS A 162 -5.64 5.79 14.82
CA HIS A 162 -5.58 7.24 14.65
C HIS A 162 -4.23 7.67 13.97
N VAL A 163 -4.37 8.34 12.84
CA VAL A 163 -3.20 8.59 11.98
C VAL A 163 -2.82 10.07 11.83
N ILE A 164 -1.59 10.35 12.24
CA ILE A 164 -1.00 11.66 12.14
C ILE A 164 0.21 11.60 11.24
N GLY A 165 0.32 12.58 10.35
CA GLY A 165 1.42 12.66 9.38
C GLY A 165 2.32 13.89 9.49
N VAL A 166 3.59 13.77 9.16
CA VAL A 166 4.47 14.90 9.31
C VAL A 166 4.93 15.31 7.93
N ASN A 167 4.73 16.60 7.56
CA ASN A 167 5.23 17.16 6.26
C ASN A 167 5.88 18.57 6.47
N THR A 168 6.27 19.25 5.41
CA THR A 168 7.08 20.45 5.62
C THR A 168 6.32 21.51 6.36
N THR A 169 5.11 21.80 5.90
CA THR A 169 4.38 22.93 6.43
C THR A 169 3.11 22.56 7.18
N GLY A 170 2.92 21.26 7.44
CA GLY A 170 1.77 20.79 8.19
C GLY A 170 0.50 20.97 7.41
N HIS A 171 0.62 21.01 6.10
CA HIS A 171 -0.56 21.05 5.25
C HIS A 171 -1.35 19.73 5.33
N PRO A 172 -2.59 19.75 4.85
CA PRO A 172 -3.44 18.56 4.86
C PRO A 172 -2.97 17.46 3.89
N ALA A 173 -3.34 16.22 4.18
CA ALA A 173 -3.09 15.12 3.24
C ALA A 173 -4.18 14.07 3.34
N ASP A 174 -4.51 13.47 2.20
CA ASP A 174 -5.60 12.49 2.13
C ASP A 174 -5.43 11.34 3.12
N HIS A 175 -6.50 11.02 3.85
CA HIS A 175 -6.58 9.92 4.81
C HIS A 175 -5.93 10.11 6.16
N PHE A 176 -5.05 11.10 6.30
CA PHE A 176 -4.50 11.39 7.60
C PHE A 176 -5.53 12.11 8.44
N HIS A 177 -5.74 11.72 9.68
CA HIS A 177 -6.66 12.51 10.51
C HIS A 177 -6.11 13.90 10.88
N GLU A 178 -4.79 14.01 11.03
CA GLU A 178 -4.18 15.29 11.32
C GLU A 178 -2.83 15.24 10.69
N THR A 179 -2.30 16.42 10.30
CA THR A 179 -0.91 16.51 9.86
C THR A 179 -0.19 17.60 10.65
N VAL A 180 1.14 17.48 10.79
CA VAL A 180 1.93 18.49 11.45
C VAL A 180 3.18 18.81 10.65
N ALA A 181 3.74 19.99 10.88
CA ALA A 181 5.01 20.40 10.28
C ALA A 181 6.15 19.76 11.04
N PHE A 182 7.29 19.55 10.40
CA PHE A 182 8.48 19.00 11.12
C PHE A 182 8.82 19.65 12.46
N THR A 183 8.53 20.95 12.57
CA THR A 183 8.96 21.75 13.70
C THR A 183 7.95 21.57 14.80
N ALA A 184 6.85 20.90 14.47
CA ALA A 184 5.67 20.84 15.37
C ALA A 184 5.31 19.43 15.86
N THR A 185 6.31 18.59 16.13
CA THR A 185 6.07 17.14 16.34
C THR A 185 6.13 16.61 17.77
N ALA A 186 6.52 17.46 18.71
CA ALA A 186 6.69 17.03 20.09
C ALA A 186 5.44 16.35 20.66
N ASP A 187 4.25 16.87 20.37
CA ASP A 187 3.05 16.29 20.99
C ASP A 187 2.71 14.90 20.41
N ALA A 188 2.81 14.79 19.09
CA ALA A 188 2.55 13.57 18.36
C ALA A 188 3.52 12.49 18.78
N LEU A 189 4.78 12.86 18.93
CA LEU A 189 5.80 11.96 19.49
C LEU A 189 5.53 11.46 20.90
N ALA A 190 4.90 12.30 21.75
CA ALA A 190 4.53 11.89 23.12
C ALA A 190 3.37 10.86 23.16
N THR A 191 2.39 11.01 22.28
CA THR A 191 1.27 10.05 22.26
C THR A 191 1.37 8.87 21.24
N ALA A 192 2.36 8.88 20.33
CA ALA A 192 2.54 7.78 19.35
C ALA A 192 2.70 6.36 19.91
N ASN A 193 1.88 5.42 19.42
CA ASN A 193 2.24 4.04 19.66
C ASN A 193 3.20 3.47 18.57
N PHE A 194 3.14 4.01 17.35
CA PHE A 194 4.01 3.54 16.25
C PHE A 194 4.48 4.75 15.47
N ILE A 195 5.76 4.76 15.17
CA ILE A 195 6.37 5.80 14.37
C ILE A 195 6.95 5.19 13.10
N VAL A 196 6.51 5.68 11.96
CA VAL A 196 6.92 5.17 10.70
C VAL A 196 7.70 6.26 9.94
N ASN A 197 8.93 5.94 9.57
CA ASN A 197 9.65 6.81 8.65
C ASN A 197 9.43 6.38 7.21
N ALA A 198 8.86 7.25 6.38
CA ALA A 198 8.76 7.02 4.96
C ALA A 198 9.33 8.22 4.18
N LEU A 199 10.26 8.97 4.77
CA LEU A 199 10.81 10.16 4.09
C LEU A 199 11.89 9.84 3.07
N PRO A 200 12.10 10.78 2.14
CA PRO A 200 13.30 10.76 1.33
C PRO A 200 14.49 11.25 2.17
N LEU A 201 15.69 10.80 1.79
CA LEU A 201 16.91 11.35 2.40
C LEU A 201 17.22 12.74 1.88
N THR A 202 17.35 13.67 2.83
CA THR A 202 17.90 14.98 2.56
C THR A 202 18.92 15.32 3.63
N PRO A 203 19.68 16.40 3.42
CA PRO A 203 20.70 16.74 4.42
C PRO A 203 20.16 16.99 5.84
N THR A 204 18.94 17.50 5.93
CA THR A 204 18.34 17.78 7.24
C THR A 204 17.41 16.69 7.79
N THR A 205 17.35 15.54 7.13
CA THR A 205 16.60 14.43 7.70
C THR A 205 17.54 13.27 7.91
N HIS A 206 18.84 13.56 7.90
CA HIS A 206 19.86 12.57 8.17
C HIS A 206 19.96 12.46 9.68
N HIS A 207 19.98 11.22 10.19
CA HIS A 207 19.92 10.95 11.63
C HIS A 207 18.79 11.74 12.34
N LEU A 208 17.68 11.92 11.64
CA LEU A 208 16.49 12.55 12.21
C LEU A 208 15.97 11.68 13.35
N PHE A 209 16.01 10.36 13.14
CA PHE A 209 15.66 9.42 14.20
C PHE A 209 16.86 9.09 15.09
N SER A 210 16.98 9.88 16.14
CA SER A 210 18.15 9.78 16.99
C SER A 210 17.80 10.22 18.41
N THR A 211 18.83 10.47 19.22
CA THR A 211 18.64 10.70 20.66
C THR A 211 17.54 11.70 21.02
N GLU A 212 17.58 12.90 20.46
CA GLU A 212 16.57 13.90 20.88
C GLU A 212 15.15 13.41 20.62
N LEU A 213 14.91 12.96 19.37
CA LEU A 213 13.60 12.43 18.92
C LEU A 213 13.08 11.33 19.84
N PHE A 214 13.93 10.32 20.03
CA PHE A 214 13.59 9.18 20.86
C PHE A 214 13.21 9.62 22.26
N GLN A 215 13.93 10.59 22.81
CA GLN A 215 13.66 11.10 24.16
C GLN A 215 12.32 11.81 24.31
N GLN A 216 11.75 12.34 23.22
CA GLN A 216 10.43 12.98 23.27
C GLN A 216 9.24 12.01 23.31
N THR A 217 9.48 10.70 23.21
CA THR A 217 8.38 9.73 23.13
C THR A 217 8.00 9.36 24.54
N LYS A 218 6.73 9.10 24.78
CA LYS A 218 6.32 8.66 26.10
C LYS A 218 5.54 7.31 26.16
N GLN A 219 5.16 6.74 25.02
CA GLN A 219 4.35 5.50 25.10
C GLN A 219 5.18 4.27 24.80
N GLN A 220 6.50 4.42 24.82
CA GLN A 220 7.42 3.37 24.38
C GLN A 220 7.01 2.77 23.01
N PRO A 221 7.00 3.63 21.98
CA PRO A 221 6.44 3.19 20.67
C PRO A 221 7.35 2.23 19.89
N MET A 222 6.81 1.66 18.82
CA MET A 222 7.58 0.82 17.94
C MET A 222 8.07 1.71 16.75
N LEU A 223 9.34 1.59 16.37
CA LEU A 223 9.85 2.41 15.28
C LEU A 223 9.96 1.59 14.03
N ILE A 224 9.46 2.12 12.89
CA ILE A 224 9.55 1.37 11.65
C ILE A 224 10.18 2.21 10.58
N ASN A 225 11.23 1.71 9.92
CA ASN A 225 11.90 2.49 8.88
C ASN A 225 11.75 1.89 7.51
N ILE A 226 11.00 2.56 6.65
CA ILE A 226 10.87 2.13 5.28
C ILE A 226 11.27 3.35 4.44
N GLY A 227 12.03 4.27 5.02
CA GLY A 227 12.51 5.44 4.29
C GLY A 227 13.87 5.02 3.76
N ARG A 228 14.94 5.62 4.29
CA ARG A 228 16.32 5.27 3.94
C ARG A 228 17.10 4.99 5.19
N GLY A 229 18.12 4.14 5.06
CA GLY A 229 18.91 3.74 6.22
C GLY A 229 19.36 4.87 7.14
N PRO A 230 20.11 5.85 6.58
CA PRO A 230 20.71 6.95 7.38
C PRO A 230 19.74 7.92 8.04
N ALA A 231 18.43 7.72 7.90
CA ALA A 231 17.48 8.55 8.63
C ALA A 231 17.58 8.23 10.11
N VAL A 232 18.06 7.01 10.39
CA VAL A 232 18.08 6.44 11.71
C VAL A 232 19.51 6.18 12.18
N ASP A 233 19.79 6.76 13.34
CA ASP A 233 21.06 6.58 14.02
C ASP A 233 21.02 5.22 14.74
N THR A 234 21.81 4.31 14.21
CA THR A 234 21.79 2.92 14.64
C THR A 234 22.18 2.81 16.12
N THR A 235 23.12 3.64 16.52
CA THR A 235 23.58 3.63 17.91
C THR A 235 22.53 4.12 18.90
N ALA A 236 21.98 5.30 18.60
CA ALA A 236 20.88 5.87 19.39
C ALA A 236 19.72 4.87 19.49
N LEU A 237 19.39 4.24 18.35
CA LEU A 237 18.30 3.27 18.29
C LEU A 237 18.53 2.14 19.31
N MET A 238 19.72 1.52 19.26
CA MET A 238 20.02 0.44 20.17
C MET A 238 19.98 0.88 21.63
N THR A 239 20.46 2.11 21.91
CA THR A 239 20.36 2.61 23.27
C THR A 239 18.93 3.02 23.71
N ALA A 240 18.13 3.57 22.79
CA ALA A 240 16.69 3.82 23.08
C ALA A 240 15.91 2.55 23.42
N LEU A 241 16.23 1.45 22.73
CA LEU A 241 15.68 0.14 23.05
C LEU A 241 16.23 -0.38 24.33
N ASP A 242 17.51 -0.15 24.57
CA ASP A 242 18.09 -0.56 25.84
C ASP A 242 17.38 0.08 27.03
N HIS A 243 17.11 1.38 26.94
CA HIS A 243 16.43 2.10 28.04
C HIS A 243 14.90 2.17 27.91
N HIS A 244 14.32 1.26 27.12
CA HIS A 244 12.88 1.19 26.93
C HIS A 244 12.25 2.50 26.58
N GLN A 245 12.94 3.33 25.81
CA GLN A 245 12.32 4.52 25.25
C GLN A 245 11.50 4.07 24.03
N LEU A 246 11.88 2.91 23.48
CA LEU A 246 11.22 2.29 22.33
C LEU A 246 10.94 0.84 22.72
N SER A 247 9.82 0.28 22.27
CA SER A 247 9.56 -1.15 22.56
C SER A 247 10.18 -2.12 21.53
N MET A 248 10.30 -1.69 20.27
CA MET A 248 10.60 -2.61 19.16
C MET A 248 10.97 -1.76 17.95
N ALA A 249 11.72 -2.33 17.01
CA ALA A 249 11.94 -1.67 15.71
C ALA A 249 11.82 -2.66 14.55
N ALA A 250 11.44 -2.16 13.38
CA ALA A 250 11.49 -2.98 12.18
C ALA A 250 12.17 -2.15 11.14
N LEU A 251 13.32 -2.61 10.68
CA LEU A 251 14.02 -1.78 9.69
C LEU A 251 14.07 -2.55 8.39
N ASP A 252 13.50 -1.98 7.34
CA ASP A 252 13.59 -2.59 6.02
C ASP A 252 14.74 -1.99 5.22
N VAL A 253 15.35 -0.94 5.79
CA VAL A 253 16.54 -0.28 5.28
C VAL A 253 17.48 -0.02 6.47
N THR A 254 18.76 0.01 6.19
CA THR A 254 19.78 0.13 7.24
C THR A 254 20.93 1.05 6.79
N GLU A 255 21.69 1.55 7.76
CA GLU A 255 22.98 2.22 7.53
C GLU A 255 24.07 1.52 8.34
N PRO A 256 24.96 0.75 7.68
CA PRO A 256 25.10 0.60 6.23
C PRO A 256 24.13 -0.42 5.66
N GLU A 257 24.06 -0.49 4.35
CA GLU A 257 23.23 -1.48 3.67
C GLU A 257 24.00 -1.98 2.45
N PRO A 258 24.10 -3.30 2.27
CA PRO A 258 23.57 -4.35 3.15
C PRO A 258 24.04 -4.20 4.56
N LEU A 259 23.23 -4.66 5.50
CA LEU A 259 23.70 -4.80 6.88
C LEU A 259 24.65 -5.97 6.93
N PRO A 260 25.94 -5.72 7.22
CA PRO A 260 26.96 -6.79 7.36
C PRO A 260 26.59 -7.84 8.41
N THR A 261 26.94 -9.10 8.16
CA THR A 261 26.44 -10.21 8.92
C THR A 261 26.88 -10.25 10.37
N ASP A 262 27.86 -9.42 10.72
CA ASP A 262 28.36 -9.38 12.08
C ASP A 262 27.85 -8.12 12.78
N HIS A 263 26.99 -7.36 12.13
CA HIS A 263 26.40 -6.19 12.78
C HIS A 263 25.55 -6.60 14.00
N PRO A 264 25.65 -5.82 15.09
CA PRO A 264 24.97 -6.26 16.33
C PRO A 264 23.43 -6.12 16.28
N LEU A 265 22.94 -5.26 15.39
CA LEU A 265 21.48 -5.18 15.11
C LEU A 265 20.84 -6.54 14.84
N TRP A 266 21.55 -7.38 14.10
CA TRP A 266 20.99 -8.72 13.80
C TRP A 266 20.74 -9.60 15.03
N GLN A 267 21.61 -9.48 16.05
CA GLN A 267 21.52 -10.34 17.23
C GLN A 267 20.43 -9.93 18.19
N ARG A 268 19.78 -8.76 18.00
CA ARG A 268 18.69 -8.36 18.90
C ARG A 268 17.38 -9.15 18.61
N ASP A 269 16.63 -9.46 19.67
CA ASP A 269 15.27 -10.00 19.54
C ASP A 269 14.20 -8.91 19.38
N ASP A 270 14.61 -7.65 19.43
CA ASP A 270 13.66 -6.55 19.44
C ASP A 270 13.82 -5.67 18.20
N VAL A 271 14.55 -6.16 17.21
CA VAL A 271 14.67 -5.45 15.94
C VAL A 271 14.42 -6.46 14.84
N LEU A 272 13.50 -6.15 13.92
CA LEU A 272 13.20 -7.11 12.84
C LEU A 272 13.82 -6.56 11.60
N ILE A 273 14.86 -7.21 11.09
CA ILE A 273 15.55 -6.72 9.92
C ILE A 273 14.92 -7.40 8.71
N THR A 274 14.46 -6.62 7.74
CA THR A 274 14.10 -7.23 6.50
C THR A 274 14.98 -6.57 5.46
N PRO A 275 15.45 -7.36 4.48
CA PRO A 275 16.44 -6.84 3.54
C PRO A 275 15.89 -6.02 2.42
N HIS A 276 15.39 -4.81 2.71
CA HIS A 276 14.86 -3.87 1.71
C HIS A 276 13.83 -4.51 0.77
N ILE A 277 12.95 -5.35 1.31
CA ILE A 277 11.96 -5.99 0.46
C ILE A 277 10.63 -5.27 0.33
N SER A 278 10.37 -4.27 1.17
CA SER A 278 8.97 -3.84 1.34
C SER A 278 8.31 -3.38 0.06
N GLY A 279 9.10 -2.81 -0.84
CA GLY A 279 8.53 -2.23 -2.06
C GLY A 279 8.55 -3.13 -3.29
N GLN A 280 9.21 -4.30 -3.19
CA GLN A 280 9.24 -5.26 -4.29
C GLN A 280 7.86 -5.83 -4.62
N ILE A 281 7.42 -5.61 -5.85
CA ILE A 281 6.12 -6.13 -6.29
C ILE A 281 6.33 -7.05 -7.44
N ALA A 282 5.32 -7.86 -7.74
CA ALA A 282 5.44 -8.76 -8.87
C ALA A 282 5.40 -8.03 -10.20
N HIS A 283 5.36 -8.83 -11.24
CA HIS A 283 5.44 -8.35 -12.60
C HIS A 283 4.05 -7.73 -12.92
N PHE A 284 4.01 -6.71 -13.79
CA PHE A 284 2.74 -6.07 -14.09
C PHE A 284 1.59 -7.06 -14.37
N ARG A 285 1.78 -8.01 -15.27
CA ARG A 285 0.69 -8.94 -15.49
C ARG A 285 0.06 -9.41 -14.15
N ALA A 286 0.88 -9.58 -13.11
CA ALA A 286 0.37 -10.13 -11.87
C ALA A 286 -0.28 -9.12 -10.91
N THR A 287 -0.13 -7.83 -11.17
CA THR A 287 -0.57 -6.84 -10.18
C THR A 287 -1.74 -6.10 -10.75
N VAL A 288 -1.70 -5.96 -12.06
CA VAL A 288 -2.73 -5.23 -12.73
C VAL A 288 -4.05 -6.08 -12.86
N PHE A 289 -3.93 -7.38 -13.06
CA PHE A 289 -5.12 -8.21 -13.29
C PHE A 289 -6.10 -8.24 -12.11
N PRO A 290 -5.60 -8.43 -10.85
CA PRO A 290 -6.52 -8.39 -9.69
C PRO A 290 -7.31 -7.07 -9.58
N ILE A 291 -6.70 -5.97 -10.04
CA ILE A 291 -7.42 -4.69 -10.09
C ILE A 291 -8.68 -4.77 -10.99
N PHE A 292 -8.50 -5.18 -12.23
CA PHE A 292 -9.61 -5.50 -13.13
C PHE A 292 -10.60 -6.55 -12.58
N ALA A 293 -10.11 -7.69 -12.13
CA ALA A 293 -10.94 -8.74 -11.55
C ALA A 293 -11.87 -8.21 -10.42
N ALA A 294 -11.30 -7.38 -9.55
CA ALA A 294 -12.13 -6.75 -8.46
C ALA A 294 -13.10 -5.72 -8.97
N ASN A 295 -12.66 -4.81 -9.83
CA ASN A 295 -13.59 -3.83 -10.42
C ASN A 295 -14.70 -4.47 -11.28
N PHE A 296 -14.36 -5.53 -12.00
CA PHE A 296 -15.34 -6.26 -12.78
C PHE A 296 -16.35 -7.03 -11.90
N ALA A 297 -15.91 -7.67 -10.83
CA ALA A 297 -16.84 -8.37 -9.94
C ALA A 297 -17.91 -7.45 -9.37
N GLN A 298 -17.49 -6.22 -9.04
CA GLN A 298 -18.33 -5.23 -8.41
C GLN A 298 -19.22 -4.61 -9.48
N PHE A 299 -18.63 -4.29 -10.63
CA PHE A 299 -19.40 -3.87 -11.80
C PHE A 299 -20.54 -4.85 -12.17
N VAL A 300 -20.23 -6.14 -12.14
CA VAL A 300 -21.23 -7.14 -12.45
C VAL A 300 -22.31 -7.14 -11.34
N LYS A 301 -21.89 -6.99 -10.09
CA LYS A 301 -22.79 -7.01 -8.90
C LYS A 301 -23.70 -5.81 -8.94
N ASP A 302 -23.17 -4.61 -9.13
CA ASP A 302 -24.10 -3.51 -9.08
C ASP A 302 -23.75 -2.31 -9.92
N GLY A 303 -22.86 -2.49 -10.89
CA GLY A 303 -22.54 -1.38 -11.77
C GLY A 303 -21.51 -0.41 -11.21
N THR A 304 -21.03 -0.62 -10.00
CA THR A 304 -19.99 0.30 -9.50
C THR A 304 -18.60 -0.37 -9.46
N LEU A 305 -17.59 0.45 -9.17
CA LEU A 305 -16.20 0.03 -9.09
C LEU A 305 -15.74 0.09 -7.66
N VAL A 306 -14.73 -0.72 -7.32
CA VAL A 306 -14.18 -0.69 -5.99
C VAL A 306 -12.77 -0.12 -5.87
N ARG A 307 -12.02 -0.04 -6.98
CA ARG A 307 -10.61 0.32 -6.89
C ARG A 307 -10.22 1.31 -8.00
N ASN A 308 -9.58 2.41 -7.64
CA ASN A 308 -8.95 3.29 -8.66
C ASN A 308 -9.89 3.93 -9.65
N GLN A 309 -11.14 4.10 -9.25
CA GLN A 309 -12.07 4.83 -10.11
C GLN A 309 -11.55 6.23 -10.44
N VAL A 310 -11.42 6.49 -11.72
CA VAL A 310 -10.97 7.76 -12.27
C VAL A 310 -12.16 8.74 -12.39
N ASP A 311 -12.05 9.91 -11.81
CA ASP A 311 -13.18 10.83 -11.83
C ASP A 311 -13.37 11.54 -13.18
#